data_4AF7
#
_entry.id   4AF7
#
_cell.length_a   73.735
_cell.length_b   91.732
_cell.length_c   139.584
_cell.angle_alpha   90.00
_cell.angle_beta   90.00
_cell.angle_gamma   90.00
#
_symmetry.space_group_name_H-M   'P 21 21 21'
#
loop_
_entity.id
_entity.type
_entity.pdbx_description
1 polymer 'FERREDOXIN--NADP REDUCTASE, LEAF ISOZYME, CHLOROPLASTIC'
2 non-polymer 'FLAVIN-ADENINE DINUCLEOTIDE'
3 water water
#
_entity_poly.entity_id   1
_entity_poly.type   'polypeptide(L)'
_entity_poly.pdbx_seq_one_letter_code
;QVTTEAPAKVVKHSKKQDENIVVNKFKPKEPYVGRCLLNTKITGDDAPGETWHMVFSTEGEVPYREGQSIGIVPDGIDKN
GKPHKLRLYSIASSAIGDFGDSKTVSLCVKRLVYTNDAGEVVKGVCSNFLCDLKPGSEVKITGPVGKEMLMPKDPNATVI
MLGTGTGIAPFRSFLWKMFFEKHEDYQFNGLAWLFLGVPTSSSLLYKEEFEKMKEKAPENFRLDFAVSREQVNDKGEKMY
IQTRMAQYAEELWELLKKDNTFVYMMGLKGMEKGIDDIMVSLAAKDGIDWIEYKRTLKKAEQWNVEVY
;
_entity_poly.pdbx_strand_id   A,B
#
loop_
_chem_comp.id
_chem_comp.type
_chem_comp.name
_chem_comp.formula
FAD non-polymer 'FLAVIN-ADENINE DINUCLEOTIDE' 'C27 H33 N9 O15 P2'
#
# COMPACT_ATOMS: atom_id res chain seq x y z
N HIS A 13 -14.37 15.53 29.01
CA HIS A 13 -13.37 16.59 28.71
C HIS A 13 -11.95 16.03 28.78
N SER A 14 -11.68 15.06 27.90
CA SER A 14 -10.37 14.42 27.83
C SER A 14 -9.46 15.15 26.87
N LYS A 15 -8.16 15.14 27.17
CA LYS A 15 -7.15 15.79 26.33
C LYS A 15 -6.67 14.89 25.17
N LYS A 16 -7.17 13.67 25.10
CA LYS A 16 -6.77 12.74 24.04
C LYS A 16 -7.90 12.44 23.05
N GLN A 17 -7.56 11.89 21.89
CA GLN A 17 -8.52 11.57 20.84
C GLN A 17 -9.37 10.36 21.20
N ASP A 18 -10.40 10.59 22.02
CA ASP A 18 -11.26 9.52 22.50
C ASP A 18 -12.75 9.80 22.29
N GLU A 19 -13.08 10.42 21.16
CA GLU A 19 -14.47 10.61 20.77
C GLU A 19 -14.92 9.38 19.99
N ASN A 20 -16.06 8.81 20.39
CA ASN A 20 -16.61 7.61 19.76
C ASN A 20 -15.72 6.37 19.93
N ILE A 21 -14.79 6.43 20.88
CA ILE A 21 -13.90 5.30 21.16
C ILE A 21 -14.61 3.98 21.23
N VAL A 22 -14.04 2.97 20.57
CA VAL A 22 -14.53 1.62 20.67
C VAL A 22 -13.55 0.86 21.54
N VAL A 23 -14.09 0.11 22.50
CA VAL A 23 -13.30 -0.78 23.35
C VAL A 23 -14.06 -2.09 23.56
N ASN A 24 -13.34 -3.20 23.42
CA ASN A 24 -13.89 -4.54 23.66
C ASN A 24 -15.12 -4.89 22.81
N LYS A 25 -15.04 -4.65 21.50
CA LYS A 25 -16.09 -5.11 20.60
C LYS A 25 -16.09 -6.64 20.52
N PHE A 26 -14.91 -7.23 20.41
CA PHE A 26 -14.80 -8.68 20.39
C PHE A 26 -14.24 -9.22 21.70
N LYS A 27 -14.78 -10.36 22.13
CA LYS A 27 -14.42 -10.96 23.41
C LYS A 27 -13.56 -12.20 23.22
N PRO A 28 -12.71 -12.52 24.21
CA PRO A 28 -11.84 -13.70 24.15
C PRO A 28 -12.59 -15.01 23.99
N LYS A 29 -13.83 -15.06 24.49
CA LYS A 29 -14.65 -16.27 24.41
C LYS A 29 -15.20 -16.51 23.00
N GLU A 30 -15.18 -15.44 22.19
CA GLU A 30 -15.85 -15.40 20.90
C GLU A 30 -15.21 -14.28 20.06
N PRO A 31 -14.02 -14.54 19.47
CA PRO A 31 -13.21 -13.50 18.87
C PRO A 31 -13.48 -13.31 17.37
N TYR A 32 -13.08 -12.15 16.82
CA TYR A 32 -13.13 -11.94 15.38
C TYR A 32 -12.05 -12.78 14.69
N VAL A 33 -12.45 -13.57 13.70
CA VAL A 33 -11.50 -14.40 12.99
C VAL A 33 -11.04 -13.73 11.70
N GLY A 34 -9.81 -13.21 11.72
CA GLY A 34 -9.18 -12.62 10.54
C GLY A 34 -8.23 -13.58 9.86
N ARG A 35 -7.64 -13.14 8.76
CA ARG A 35 -6.65 -13.96 8.04
C ARG A 35 -5.36 -13.19 7.83
N CYS A 36 -4.26 -13.94 7.85
CA CYS A 36 -2.94 -13.38 7.65
C CYS A 36 -2.75 -13.05 6.18
N LEU A 37 -2.36 -11.81 5.89
CA LEU A 37 -2.14 -11.37 4.51
C LEU A 37 -0.66 -11.36 4.16
N LEU A 38 0.13 -10.76 5.04
CA LEU A 38 1.58 -10.67 4.90
C LEU A 38 2.23 -10.92 6.26
N ASN A 39 3.45 -11.45 6.22
CA ASN A 39 4.23 -11.71 7.43
C ASN A 39 5.71 -11.71 7.07
N THR A 40 6.44 -10.75 7.65
CA THR A 40 7.80 -10.46 7.21
C THR A 40 8.71 -10.17 8.39
N LYS A 41 9.86 -10.85 8.41
CA LYS A 41 10.92 -10.57 9.38
C LYS A 41 11.58 -9.23 9.03
N ILE A 42 11.56 -8.28 9.96
CA ILE A 42 12.09 -6.93 9.71
C ILE A 42 13.37 -6.58 10.47
N THR A 43 14.07 -7.60 10.95
CA THR A 43 15.39 -7.41 11.56
C THR A 43 16.43 -8.11 10.71
N GLY A 44 17.68 -7.69 10.84
CA GLY A 44 18.79 -8.34 10.16
C GLY A 44 19.01 -9.76 10.63
N ASP A 45 19.75 -10.55 9.85
CA ASP A 45 20.02 -11.95 10.18
C ASP A 45 21.03 -12.13 11.34
N ASP A 46 21.42 -11.02 11.96
CA ASP A 46 22.45 -11.04 13.00
C ASP A 46 21.98 -10.53 14.35
N ALA A 47 20.86 -9.79 14.35
CA ALA A 47 20.26 -9.21 15.55
C ALA A 47 20.06 -10.24 16.68
N PRO A 48 19.91 -9.77 17.94
CA PRO A 48 19.81 -10.66 19.11
C PRO A 48 18.55 -11.54 19.11
N GLY A 49 17.44 -11.02 18.59
CA GLY A 49 16.22 -11.79 18.47
C GLY A 49 15.33 -11.18 17.40
N GLU A 50 14.83 -12.03 16.50
CA GLU A 50 14.07 -11.57 15.33
C GLU A 50 12.69 -10.98 15.67
N THR A 51 12.32 -9.93 14.93
CA THR A 51 10.99 -9.30 15.03
C THR A 51 10.27 -9.35 13.68
N TRP A 52 8.99 -9.72 13.68
CA TRP A 52 8.22 -9.82 12.44
C TRP A 52 7.13 -8.79 12.33
N HIS A 53 6.97 -8.24 11.12
CA HIS A 53 5.86 -7.31 10.86
C HIS A 53 4.78 -8.02 10.06
N MET A 54 3.56 -8.01 10.59
CA MET A 54 2.46 -8.79 10.00
C MET A 54 1.16 -8.03 9.84
N VAL A 55 0.48 -8.28 8.73
CA VAL A 55 -0.76 -7.58 8.37
C VAL A 55 -1.95 -8.55 8.31
N PHE A 56 -2.91 -8.35 9.21
CA PHE A 56 -4.14 -9.16 9.22
C PHE A 56 -5.31 -8.45 8.55
N SER A 57 -6.24 -9.24 8.01
CA SER A 57 -7.49 -8.71 7.48
C SER A 57 -8.52 -8.62 8.59
N THR A 58 -9.34 -7.57 8.56
CA THR A 58 -10.40 -7.36 9.56
C THR A 58 -11.72 -7.00 8.89
N GLU A 59 -11.69 -6.96 7.56
CA GLU A 59 -12.79 -6.42 6.74
C GLU A 59 -13.56 -5.26 7.41
N GLY A 60 -12.81 -4.34 8.02
CA GLY A 60 -13.37 -3.12 8.61
C GLY A 60 -14.13 -3.29 9.93
N GLU A 61 -14.16 -4.52 10.42
CA GLU A 61 -14.95 -4.90 11.59
C GLU A 61 -14.35 -4.47 12.93
N VAL A 62 -13.03 -4.27 12.94
CA VAL A 62 -12.27 -4.02 14.17
C VAL A 62 -11.85 -2.54 14.24
N PRO A 63 -12.77 -1.68 14.68
CA PRO A 63 -12.63 -0.23 14.52
C PRO A 63 -11.72 0.43 15.56
N TYR A 64 -10.41 0.24 15.40
CA TYR A 64 -9.44 0.80 16.35
C TYR A 64 -9.04 2.23 16.02
N ARG A 65 -8.02 2.70 16.73
CA ARG A 65 -7.40 4.00 16.49
C ARG A 65 -6.00 3.98 17.06
N GLU A 66 -5.22 4.98 16.66
CA GLU A 66 -3.82 5.08 17.04
C GLU A 66 -3.66 4.90 18.54
N GLY A 67 -2.89 3.89 18.92
CA GLY A 67 -2.43 3.69 20.28
C GLY A 67 -3.13 2.60 21.04
N GLN A 68 -4.00 1.86 20.36
CA GLN A 68 -4.73 0.75 20.99
C GLN A 68 -4.06 -0.62 20.76
N SER A 69 -4.55 -1.63 21.47
CA SER A 69 -4.07 -3.00 21.33
C SER A 69 -5.16 -3.93 20.83
N ILE A 70 -4.76 -4.93 20.06
CA ILE A 70 -5.62 -6.08 19.84
C ILE A 70 -5.07 -7.24 20.64
N GLY A 71 -5.94 -8.15 21.07
CA GLY A 71 -5.49 -9.40 21.70
C GLY A 71 -5.38 -10.52 20.68
N ILE A 72 -4.55 -11.51 20.96
CA ILE A 72 -4.45 -12.67 20.06
C ILE A 72 -4.55 -14.00 20.81
N VAL A 73 -5.62 -14.75 20.55
CA VAL A 73 -5.70 -16.11 21.05
C VAL A 73 -4.91 -17.01 20.08
N PRO A 74 -3.88 -17.68 20.60
CA PRO A 74 -3.09 -18.57 19.74
C PRO A 74 -3.63 -19.98 19.64
N ASP A 75 -3.62 -20.53 18.43
CA ASP A 75 -3.99 -21.92 18.17
C ASP A 75 -3.30 -22.85 19.15
N GLY A 76 -4.09 -23.66 19.86
CA GLY A 76 -3.51 -24.73 20.65
C GLY A 76 -4.08 -25.02 22.01
N ILE A 77 -3.57 -26.12 22.56
CA ILE A 77 -3.98 -26.67 23.84
C ILE A 77 -2.84 -26.46 24.83
N ASP A 78 -3.15 -25.92 26.01
CA ASP A 78 -2.14 -25.77 27.05
C ASP A 78 -1.86 -27.11 27.76
N LYS A 79 -0.84 -27.11 28.63
CA LYS A 79 -0.40 -28.32 29.35
C LYS A 79 -1.52 -29.02 30.13
N ASN A 80 -2.68 -28.37 30.21
CA ASN A 80 -3.82 -28.87 30.96
C ASN A 80 -4.94 -29.46 30.09
N GLY A 81 -5.25 -28.80 28.97
CA GLY A 81 -6.26 -29.30 28.05
C GLY A 81 -7.25 -28.27 27.55
N LYS A 82 -7.08 -27.02 27.99
CA LYS A 82 -8.00 -25.93 27.65
C LYS A 82 -7.31 -24.77 26.92
N PRO A 83 -8.07 -24.04 26.06
CA PRO A 83 -7.49 -23.04 25.16
C PRO A 83 -6.65 -21.97 25.87
N HIS A 84 -5.65 -21.45 25.16
CA HIS A 84 -4.75 -20.42 25.69
C HIS A 84 -5.48 -19.13 25.96
N LYS A 85 -5.03 -18.40 26.98
CA LYS A 85 -5.52 -17.05 27.24
C LYS A 85 -4.83 -16.07 26.28
N LEU A 86 -5.48 -14.95 26.01
CA LEU A 86 -4.98 -13.97 25.05
C LEU A 86 -3.70 -13.28 25.50
N ARG A 87 -2.93 -12.80 24.53
CA ARG A 87 -1.79 -11.93 24.76
C ARG A 87 -2.04 -10.66 23.98
N LEU A 88 -1.93 -9.51 24.64
CA LEU A 88 -2.12 -8.21 24.00
C LEU A 88 -0.91 -7.82 23.17
N TYR A 89 -1.13 -7.12 22.06
CA TYR A 89 -0.07 -6.55 21.23
C TYR A 89 -0.49 -5.18 20.72
N SER A 90 0.44 -4.23 20.72
CA SER A 90 0.14 -2.87 20.25
C SER A 90 0.02 -2.88 18.74
N ILE A 91 -0.91 -2.06 18.23
CA ILE A 91 -1.19 -2.00 16.80
C ILE A 91 -0.12 -1.18 16.10
N ALA A 92 0.62 -1.84 15.22
CA ALA A 92 1.69 -1.21 14.44
C ALA A 92 1.15 -0.29 13.33
N SER A 93 0.00 -0.64 12.78
CA SER A 93 -0.62 0.16 11.71
C SER A 93 -1.46 1.31 12.25
N SER A 94 -1.68 2.34 11.45
CA SER A 94 -2.56 3.44 11.85
C SER A 94 -4.01 3.04 11.61
N ALA A 95 -4.95 3.89 12.01
CA ALA A 95 -6.37 3.59 11.89
C ALA A 95 -6.76 3.07 10.51
N ILE A 96 -6.35 3.78 9.47
CA ILE A 96 -6.73 3.42 8.10
C ILE A 96 -5.84 2.31 7.52
N GLY A 97 -4.86 1.87 8.30
CA GLY A 97 -4.08 0.69 7.95
C GLY A 97 -3.00 0.91 6.90
N ASP A 98 -2.19 -0.13 6.70
CA ASP A 98 -1.05 -0.11 5.79
C ASP A 98 -1.46 -0.03 4.32
N PHE A 99 -2.65 -0.51 3.99
CA PHE A 99 -3.16 -0.45 2.62
C PHE A 99 -4.04 0.78 2.42
N GLY A 100 -4.35 1.49 3.51
CA GLY A 100 -5.16 2.70 3.45
C GLY A 100 -6.63 2.45 3.15
N ASP A 101 -7.02 1.19 3.17
CA ASP A 101 -8.39 0.78 2.85
C ASP A 101 -9.26 0.54 4.09
N SER A 102 -8.66 0.71 5.27
CA SER A 102 -9.34 0.55 6.56
C SER A 102 -9.93 -0.86 6.76
N LYS A 103 -9.29 -1.86 6.16
CA LYS A 103 -9.71 -3.25 6.27
C LYS A 103 -8.59 -4.15 6.82
N THR A 104 -7.58 -3.53 7.42
CA THR A 104 -6.39 -4.28 7.87
C THR A 104 -5.88 -3.81 9.24
N VAL A 105 -5.27 -4.74 9.97
CA VAL A 105 -4.54 -4.42 11.19
C VAL A 105 -3.14 -5.05 11.09
N SER A 106 -2.14 -4.35 11.62
CA SER A 106 -0.76 -4.83 11.58
C SER A 106 -0.09 -4.94 12.96
N LEU A 107 0.79 -5.92 13.09
CA LEU A 107 1.47 -6.15 14.36
C LEU A 107 2.99 -6.17 14.22
N CYS A 108 3.67 -5.83 15.31
CA CYS A 108 5.13 -5.85 15.39
C CYS A 108 5.50 -6.80 16.51
N VAL A 109 5.96 -7.99 16.15
CA VAL A 109 6.06 -9.10 17.11
C VAL A 109 7.47 -9.66 17.27
N LYS A 110 8.06 -9.40 18.44
CA LYS A 110 9.35 -9.99 18.84
C LYS A 110 9.14 -11.45 19.22
N ARG A 111 9.82 -12.34 18.51
CA ARG A 111 9.77 -13.77 18.80
C ARG A 111 10.51 -14.04 20.10
N LEU A 112 9.78 -14.57 21.07
CA LEU A 112 10.32 -14.75 22.43
C LEU A 112 10.99 -16.10 22.61
N VAL A 113 12.33 -16.05 22.71
CA VAL A 113 13.15 -17.22 23.03
C VAL A 113 14.15 -16.85 24.13
N TYR A 114 14.18 -17.67 25.18
CA TYR A 114 15.14 -17.54 26.27
C TYR A 114 15.49 -18.96 26.72
N THR A 115 16.61 -19.09 27.44
CA THR A 115 16.92 -20.36 28.08
C THR A 115 16.69 -20.21 29.59
N ASN A 116 15.95 -21.17 30.15
CA ASN A 116 15.54 -21.13 31.55
C ASN A 116 16.65 -21.57 32.51
N ASP A 117 16.42 -21.32 33.79
CA ASP A 117 17.31 -21.72 34.87
C ASP A 117 17.82 -23.16 34.74
N ALA A 118 17.02 -24.03 34.12
CA ALA A 118 17.32 -25.47 34.06
C ALA A 118 18.07 -25.90 32.80
N GLY A 119 18.36 -24.96 31.92
CA GLY A 119 19.16 -25.22 30.73
C GLY A 119 18.38 -25.43 29.44
N GLU A 120 17.06 -25.52 29.55
CA GLU A 120 16.19 -25.75 28.39
C GLU A 120 15.96 -24.47 27.60
N VAL A 121 15.85 -24.60 26.28
CA VAL A 121 15.49 -23.47 25.41
C VAL A 121 13.97 -23.40 25.32
N VAL A 122 13.42 -22.29 25.78
CA VAL A 122 11.97 -22.15 25.90
C VAL A 122 11.43 -21.08 24.94
N LYS A 123 10.46 -21.49 24.12
CA LYS A 123 9.83 -20.59 23.16
C LYS A 123 8.49 -20.09 23.69
N GLY A 124 8.30 -18.77 23.69
CA GLY A 124 7.04 -18.15 24.07
C GLY A 124 5.93 -18.53 23.10
N VAL A 125 4.77 -18.90 23.63
CA VAL A 125 3.69 -19.49 22.83
C VAL A 125 3.09 -18.53 21.79
N CYS A 126 2.51 -17.42 22.26
CA CYS A 126 1.76 -16.51 21.39
C CYS A 126 2.61 -15.76 20.36
N SER A 127 3.82 -15.37 20.73
CA SER A 127 4.70 -14.66 19.80
C SER A 127 5.28 -15.58 18.72
N ASN A 128 5.60 -16.81 19.08
CA ASN A 128 6.10 -17.80 18.12
C ASN A 128 5.01 -18.27 17.19
N PHE A 129 3.78 -18.28 17.69
CA PHE A 129 2.63 -18.61 16.85
C PHE A 129 2.46 -17.56 15.75
N LEU A 130 2.41 -16.30 16.15
CA LEU A 130 2.29 -15.18 15.24
C LEU A 130 3.42 -15.15 14.21
N CYS A 131 4.65 -15.31 14.70
CA CYS A 131 5.85 -15.34 13.85
C CYS A 131 5.99 -16.58 12.95
N ASP A 132 5.13 -17.58 13.16
CA ASP A 132 5.14 -18.75 12.29
C ASP A 132 3.92 -18.76 11.36
N LEU A 133 3.06 -17.76 11.51
CA LEU A 133 1.86 -17.61 10.69
C LEU A 133 2.19 -17.50 9.22
N LYS A 134 1.38 -18.14 8.38
CA LYS A 134 1.50 -18.00 6.94
C LYS A 134 0.33 -17.19 6.42
N PRO A 135 0.57 -16.36 5.38
CA PRO A 135 -0.54 -15.71 4.68
C PRO A 135 -1.60 -16.73 4.26
N GLY A 136 -2.84 -16.49 4.65
CA GLY A 136 -3.94 -17.43 4.41
C GLY A 136 -4.50 -18.01 5.69
N SER A 137 -3.63 -18.28 6.65
CA SER A 137 -4.02 -18.84 7.95
C SER A 137 -4.90 -17.88 8.75
N GLU A 138 -5.78 -18.45 9.57
CA GLU A 138 -6.73 -17.67 10.36
C GLU A 138 -6.09 -17.23 11.67
N VAL A 139 -6.48 -16.07 12.16
CA VAL A 139 -6.00 -15.55 13.42
C VAL A 139 -7.18 -15.04 14.22
N LYS A 140 -7.23 -15.39 15.51
CA LYS A 140 -8.33 -14.97 16.38
C LYS A 140 -8.02 -13.65 17.04
N ILE A 141 -8.79 -12.62 16.69
CA ILE A 141 -8.49 -11.24 17.10
C ILE A 141 -9.51 -10.72 18.13
N THR A 142 -9.02 -10.25 19.28
CA THR A 142 -9.90 -9.63 20.28
C THR A 142 -9.54 -8.17 20.47
N GLY A 143 -10.45 -7.42 21.09
CA GLY A 143 -10.23 -6.00 21.34
C GLY A 143 -11.17 -5.15 20.50
N PRO A 144 -10.78 -3.89 20.22
CA PRO A 144 -9.55 -3.23 20.65
C PRO A 144 -9.57 -2.84 22.12
N VAL A 145 -8.38 -2.81 22.73
CA VAL A 145 -8.22 -2.54 24.15
C VAL A 145 -7.32 -1.31 24.32
N GLY A 146 -7.57 -0.55 25.38
CA GLY A 146 -6.71 0.58 25.75
C GLY A 146 -7.30 1.95 25.52
N LYS A 147 -7.08 2.84 26.48
CA LYS A 147 -7.51 4.23 26.40
C LYS A 147 -6.43 5.22 26.87
N GLU A 148 -5.29 4.67 27.31
CA GLU A 148 -4.21 5.49 27.87
C GLU A 148 -3.36 6.15 26.79
N MET A 149 -2.95 5.34 25.80
CA MET A 149 -1.99 5.76 24.77
C MET A 149 -2.63 6.36 23.50
N LEU A 150 -3.70 7.10 23.65
CA LEU A 150 -4.32 7.77 22.50
C LEU A 150 -3.63 9.11 22.24
N MET A 151 -3.56 9.50 20.96
CA MET A 151 -2.94 10.75 20.54
C MET A 151 -3.62 11.93 21.22
N PRO A 152 -2.91 13.07 21.38
CA PRO A 152 -3.61 14.23 21.90
C PRO A 152 -4.56 14.79 20.83
N LYS A 153 -5.71 15.28 21.26
CA LYS A 153 -6.65 15.94 20.36
C LYS A 153 -5.97 17.11 19.64
N ASP A 154 -5.15 17.85 20.38
CA ASP A 154 -4.45 19.04 19.87
C ASP A 154 -3.51 18.72 18.70
N PRO A 155 -3.78 19.30 17.52
CA PRO A 155 -2.94 19.08 16.34
C PRO A 155 -1.64 19.89 16.33
N ASN A 156 -1.58 20.93 17.16
CA ASN A 156 -0.34 21.71 17.35
C ASN A 156 0.42 21.32 18.61
N ALA A 157 0.32 20.05 18.98
CA ALA A 157 0.89 19.54 20.23
C ALA A 157 2.35 19.19 20.04
N THR A 158 3.05 18.98 21.16
CA THR A 158 4.37 18.39 21.15
C THR A 158 4.21 16.97 21.66
N VAL A 159 4.71 16.02 20.88
CA VAL A 159 4.44 14.62 21.14
C VAL A 159 5.74 13.82 21.18
N ILE A 160 6.47 13.99 22.29
CA ILE A 160 7.70 13.25 22.55
C ILE A 160 7.37 11.79 22.79
N MET A 161 7.97 10.93 21.98
CA MET A 161 7.72 9.49 22.03
C MET A 161 9.01 8.75 22.35
N LEU A 162 9.05 8.08 23.49
CA LEU A 162 10.22 7.32 23.89
C LEU A 162 9.88 5.84 23.75
N GLY A 163 10.72 5.10 23.03
CA GLY A 163 10.44 3.69 22.77
C GLY A 163 11.62 2.75 22.68
N THR A 164 11.47 1.57 23.27
CA THR A 164 12.45 0.49 23.10
C THR A 164 11.79 -0.70 22.42
N GLY A 165 12.51 -1.32 21.49
CA GLY A 165 12.09 -2.56 20.84
C GLY A 165 10.74 -2.50 20.13
N THR A 166 9.92 -3.52 20.38
CA THR A 166 8.59 -3.58 19.77
C THR A 166 7.67 -2.47 20.29
N GLY A 167 8.15 -1.74 21.29
CA GLY A 167 7.43 -0.59 21.82
C GLY A 167 7.35 0.56 20.84
N ILE A 168 8.03 0.43 19.70
CA ILE A 168 7.96 1.40 18.60
C ILE A 168 6.60 1.38 17.90
N ALA A 169 5.80 0.35 18.20
CA ALA A 169 4.65 0.02 17.38
C ALA A 169 3.53 1.05 17.38
N PRO A 170 3.10 1.51 18.56
CA PRO A 170 2.08 2.55 18.60
C PRO A 170 2.57 3.85 17.97
N PHE A 171 3.87 4.07 18.00
CA PHE A 171 4.45 5.30 17.48
C PHE A 171 4.48 5.33 15.96
N ARG A 172 4.72 4.19 15.35
CA ARG A 172 4.53 4.02 13.91
C ARG A 172 3.09 4.35 13.58
N SER A 173 2.17 3.79 14.39
CA SER A 173 0.74 4.04 14.25
C SER A 173 0.46 5.53 14.34
N PHE A 174 1.00 6.17 15.37
CA PHE A 174 0.88 7.61 15.56
C PHE A 174 1.35 8.31 14.30
N LEU A 175 2.62 8.13 13.97
CA LEU A 175 3.28 8.94 12.95
C LEU A 175 2.68 8.81 11.55
N TRP A 176 2.30 7.59 11.16
CA TRP A 176 1.60 7.37 9.89
C TRP A 176 0.39 8.29 9.73
N LYS A 177 -0.40 8.46 10.78
CA LYS A 177 -1.54 9.38 10.74
C LYS A 177 -1.09 10.82 10.59
N MET A 178 0.01 11.18 11.25
CA MET A 178 0.53 12.53 11.22
C MET A 178 1.13 12.91 9.86
N PHE A 179 2.05 12.08 9.38
CA PHE A 179 2.91 12.47 8.26
C PHE A 179 2.69 11.72 6.93
N PHE A 180 2.07 10.56 7.00
CA PHE A 180 1.85 9.71 5.82
C PHE A 180 0.40 9.74 5.31
N GLU A 181 -0.46 10.51 5.98
CA GLU A 181 -1.89 10.50 5.68
C GLU A 181 -2.51 11.90 5.65
N LYS A 182 -3.47 12.07 4.74
CA LYS A 182 -4.23 13.31 4.67
C LYS A 182 -5.60 13.10 5.30
N HIS A 183 -5.93 13.94 6.27
CA HIS A 183 -7.21 13.88 6.98
C HIS A 183 -7.82 15.28 7.07
N GLU A 184 -9.09 15.38 6.71
CA GLU A 184 -9.76 16.69 6.64
C GLU A 184 -10.08 17.30 8.01
N ASP A 185 -9.57 16.69 9.08
CA ASP A 185 -9.79 17.20 10.43
C ASP A 185 -8.55 17.11 11.32
N TYR A 186 -7.52 16.42 10.83
CA TYR A 186 -6.25 16.33 11.55
C TYR A 186 -5.08 16.66 10.63
N GLN A 187 -4.53 17.85 10.82
CA GLN A 187 -3.27 18.25 10.19
C GLN A 187 -2.29 18.68 11.28
N PHE A 188 -1.31 17.81 11.55
CA PHE A 188 -0.33 18.00 12.62
C PHE A 188 0.63 19.16 12.32
N ASN A 189 0.73 20.11 13.25
CA ASN A 189 1.60 21.27 13.09
C ASN A 189 2.51 21.52 14.29
N GLY A 190 2.55 20.56 15.21
CA GLY A 190 3.40 20.66 16.40
C GLY A 190 4.77 20.05 16.16
N LEU A 191 5.42 19.65 17.25
CA LEU A 191 6.69 18.92 17.16
C LEU A 191 6.50 17.44 17.53
N ALA A 192 6.94 16.55 16.65
CA ALA A 192 6.95 15.13 16.97
C ALA A 192 8.39 14.69 17.14
N TRP A 193 8.67 14.01 18.25
CA TRP A 193 10.05 13.65 18.58
C TRP A 193 10.16 12.20 19.02
N LEU A 194 10.71 11.38 18.14
CA LEU A 194 10.88 9.98 18.42
C LEU A 194 12.27 9.71 18.97
N PHE A 195 12.34 8.88 20.00
CA PHE A 195 13.58 8.30 20.48
C PHE A 195 13.39 6.80 20.46
N LEU A 196 14.21 6.10 19.69
CA LEU A 196 14.11 4.64 19.60
C LEU A 196 15.39 3.95 20.04
N GLY A 197 15.29 3.16 21.11
CA GLY A 197 16.43 2.44 21.65
C GLY A 197 16.43 0.99 21.23
N VAL A 198 17.56 0.53 20.72
CA VAL A 198 17.75 -0.86 20.34
C VAL A 198 19.20 -1.30 20.60
N PRO A 199 19.46 -2.63 20.60
CA PRO A 199 20.80 -3.19 20.73
C PRO A 199 21.69 -2.91 19.53
N THR A 200 21.35 -3.51 18.39
CA THR A 200 22.16 -3.42 17.17
C THR A 200 21.49 -2.59 16.08
N SER A 201 22.22 -2.35 14.99
CA SER A 201 21.69 -1.69 13.80
C SER A 201 20.65 -2.56 13.14
N SER A 202 20.92 -3.86 13.13
CA SER A 202 20.02 -4.86 12.56
C SER A 202 18.71 -4.98 13.33
N SER A 203 18.71 -4.52 14.58
CA SER A 203 17.49 -4.43 15.39
C SER A 203 16.65 -3.18 15.11
N LEU A 204 17.13 -2.31 14.23
CA LEU A 204 16.40 -1.08 13.95
C LEU A 204 15.09 -1.34 13.19
N LEU A 205 13.98 -0.89 13.76
CA LEU A 205 12.65 -1.13 13.22
C LEU A 205 12.07 0.09 12.51
N TYR A 206 11.64 -0.13 11.27
CA TYR A 206 10.97 0.90 10.45
C TYR A 206 11.83 2.14 10.17
N LYS A 207 13.15 1.97 10.29
CA LYS A 207 14.12 3.04 10.07
C LYS A 207 13.81 3.86 8.81
N GLU A 208 13.72 3.17 7.67
CA GLU A 208 13.40 3.81 6.39
C GLU A 208 12.13 4.66 6.45
N GLU A 209 11.06 4.09 7.00
CA GLU A 209 9.79 4.78 7.11
C GLU A 209 9.92 6.06 7.91
N PHE A 210 10.72 6.01 8.98
CA PHE A 210 10.95 7.18 9.82
C PHE A 210 11.86 8.21 9.15
N GLU A 211 12.86 7.73 8.40
CA GLU A 211 13.76 8.60 7.65
C GLU A 211 12.97 9.42 6.63
N LYS A 212 12.09 8.72 5.91
CA LYS A 212 11.20 9.30 4.91
C LYS A 212 10.36 10.43 5.52
N MET A 213 9.85 10.20 6.72
CA MET A 213 9.03 11.17 7.42
C MET A 213 9.83 12.40 7.79
N LYS A 214 11.07 12.19 8.23
CA LYS A 214 11.95 13.28 8.66
C LYS A 214 12.19 14.27 7.51
N GLU A 215 12.44 13.73 6.31
CA GLU A 215 12.68 14.58 5.15
C GLU A 215 11.41 15.21 4.56
N LYS A 216 10.27 14.55 4.73
CA LYS A 216 8.99 15.09 4.24
C LYS A 216 8.51 16.27 5.09
N ALA A 217 8.73 16.20 6.40
CA ALA A 217 8.35 17.29 7.30
C ALA A 217 9.46 17.62 8.31
N PRO A 218 10.57 18.21 7.84
CA PRO A 218 11.73 18.50 8.70
C PRO A 218 11.44 19.52 9.80
N GLU A 219 10.38 20.30 9.65
CA GLU A 219 9.97 21.25 10.69
C GLU A 219 9.32 20.53 11.88
N ASN A 220 8.45 19.57 11.58
CA ASN A 220 7.57 18.97 12.57
C ASN A 220 8.04 17.63 13.16
N PHE A 221 9.04 17.00 12.55
CA PHE A 221 9.52 15.70 13.01
C PHE A 221 11.02 15.66 13.30
N ARG A 222 11.36 15.12 14.47
CA ARG A 222 12.75 14.95 14.92
C ARG A 222 12.95 13.52 15.37
N LEU A 223 14.06 12.92 14.94
CA LEU A 223 14.25 11.48 15.06
C LEU A 223 15.65 11.08 15.51
N ASP A 224 15.75 10.59 16.75
CA ASP A 224 17.01 10.12 17.32
C ASP A 224 16.93 8.63 17.63
N PHE A 225 17.95 7.90 17.19
CA PHE A 225 18.11 6.48 17.51
C PHE A 225 19.14 6.30 18.62
N ALA A 226 19.17 5.09 19.18
CA ALA A 226 20.07 4.77 20.28
C ALA A 226 20.46 3.31 20.20
N VAL A 227 21.60 3.04 19.57
CA VAL A 227 22.09 1.69 19.38
C VAL A 227 23.19 1.40 20.40
N SER A 228 22.80 0.79 21.52
CA SER A 228 23.68 0.59 22.66
C SER A 228 25.00 -0.12 22.36
N ARG A 229 24.95 -1.12 21.48
CA ARG A 229 26.12 -1.95 21.16
C ARG A 229 27.07 -1.33 20.11
N GLU A 230 26.60 -0.28 19.44
CA GLU A 230 27.41 0.37 18.38
C GLU A 230 27.71 1.84 18.66
N GLN A 231 26.94 2.46 19.55
CA GLN A 231 27.08 3.88 19.83
C GLN A 231 27.55 4.20 21.25
N VAL A 232 28.08 5.41 21.42
CA VAL A 232 28.76 5.85 22.63
C VAL A 232 28.68 7.38 22.74
N ASN A 233 28.60 7.91 23.95
CA ASN A 233 28.56 9.37 24.15
C ASN A 233 29.95 9.98 24.47
N ASP A 234 29.98 11.24 24.88
CA ASP A 234 31.24 11.91 25.23
C ASP A 234 32.03 11.15 26.29
N LYS A 235 31.34 10.67 27.31
CA LYS A 235 31.99 9.95 28.42
C LYS A 235 32.23 8.48 28.11
N GLY A 236 32.05 8.08 26.86
CA GLY A 236 32.30 6.70 26.45
C GLY A 236 31.25 5.69 26.92
N GLU A 237 30.20 6.20 27.57
CA GLU A 237 29.11 5.37 28.07
C GLU A 237 28.24 4.84 26.93
N LYS A 238 27.73 3.61 27.08
CA LYS A 238 26.88 2.97 26.07
C LYS A 238 25.62 3.78 25.84
N MET A 239 25.10 3.71 24.61
CA MET A 239 23.98 4.55 24.19
C MET A 239 22.62 3.89 24.38
N TYR A 240 22.10 3.98 25.59
CA TYR A 240 20.71 3.61 25.85
C TYR A 240 19.81 4.79 25.52
N ILE A 241 18.51 4.56 25.42
CA ILE A 241 17.52 5.60 25.12
C ILE A 241 17.65 6.87 26.02
N GLN A 242 17.98 6.67 27.30
CA GLN A 242 18.16 7.77 28.23
C GLN A 242 19.49 8.48 28.01
N THR A 243 20.44 7.78 27.41
CA THR A 243 21.77 8.32 27.13
C THR A 243 21.66 9.29 25.97
N ARG A 244 20.86 8.89 24.97
CA ARG A 244 20.59 9.73 23.81
C ARG A 244 19.81 10.96 24.25
N MET A 245 18.71 10.73 24.96
CA MET A 245 17.90 11.79 25.57
C MET A 245 18.75 12.80 26.33
N ALA A 246 19.69 12.29 27.13
CA ALA A 246 20.55 13.11 27.99
C ALA A 246 21.24 14.25 27.22
N GLN A 247 21.46 14.03 25.91
CA GLN A 247 22.07 15.03 25.03
C GLN A 247 21.17 16.26 24.81
N TYR A 248 19.86 16.07 24.92
CA TYR A 248 18.90 17.17 24.76
C TYR A 248 18.14 17.41 26.06
N ALA A 249 18.86 17.31 27.18
CA ALA A 249 18.27 17.37 28.51
C ALA A 249 17.60 18.71 28.84
N GLU A 250 18.43 19.74 28.93
CA GLU A 250 17.99 21.12 29.10
C GLU A 250 16.79 21.51 28.22
N GLU A 251 16.68 20.83 27.08
CA GLU A 251 15.70 21.16 26.06
C GLU A 251 14.38 20.41 26.29
N LEU A 252 14.48 19.11 26.58
CA LEU A 252 13.33 18.24 26.84
C LEU A 252 12.65 18.70 28.13
N TRP A 253 13.46 19.06 29.11
CA TRP A 253 12.96 19.59 30.37
C TRP A 253 12.24 20.92 30.17
N GLU A 254 12.65 21.66 29.15
CA GLU A 254 12.01 22.92 28.85
C GLU A 254 10.66 22.71 28.17
N LEU A 255 10.56 21.67 27.35
CA LEU A 255 9.31 21.33 26.70
C LEU A 255 8.31 20.81 27.73
N LEU A 256 8.82 20.08 28.72
CA LEU A 256 7.97 19.44 29.72
C LEU A 256 7.26 20.47 30.58
N LYS A 257 7.93 21.58 30.85
CA LYS A 257 7.32 22.71 31.57
C LYS A 257 6.10 23.26 30.83
N LYS A 258 6.13 23.19 29.49
CA LYS A 258 4.99 23.60 28.66
C LYS A 258 3.77 22.70 28.85
N ASP A 259 2.60 23.32 28.85
CA ASP A 259 1.35 22.66 29.21
C ASP A 259 0.62 22.03 28.04
N ASN A 260 1.29 21.96 26.89
CA ASN A 260 0.78 21.23 25.73
C ASN A 260 1.80 20.23 25.19
N THR A 261 2.53 19.61 26.11
CA THR A 261 3.57 18.64 25.78
C THR A 261 3.19 17.25 26.30
N PHE A 262 3.10 16.29 25.40
CA PHE A 262 2.68 14.96 25.78
C PHE A 262 3.82 14.00 25.55
N VAL A 263 4.18 13.25 26.60
CA VAL A 263 5.19 12.21 26.50
C VAL A 263 4.56 10.81 26.52
N TYR A 264 5.00 9.96 25.61
CA TYR A 264 4.54 8.56 25.57
C TYR A 264 5.71 7.61 25.70
N MET A 265 5.59 6.61 26.56
CA MET A 265 6.64 5.61 26.74
C MET A 265 6.08 4.20 26.55
N MET A 266 6.76 3.40 25.74
CA MET A 266 6.29 2.07 25.41
C MET A 266 7.48 1.17 25.05
N GLY A 267 7.48 -0.05 25.58
CA GLY A 267 8.56 -1.01 25.35
C GLY A 267 8.77 -1.90 26.56
N LEU A 268 9.85 -2.68 26.54
CA LEU A 268 10.19 -3.62 27.63
C LEU A 268 10.26 -2.93 29.00
N LYS A 269 9.92 -3.69 30.06
CA LYS A 269 9.85 -3.18 31.44
C LYS A 269 11.09 -2.41 31.92
N GLY A 270 12.28 -2.92 31.59
CA GLY A 270 13.53 -2.37 32.10
C GLY A 270 13.81 -0.93 31.71
N MET A 271 13.17 -0.48 30.63
CA MET A 271 13.42 0.84 30.05
C MET A 271 13.05 2.02 30.94
N GLU A 272 12.06 1.84 31.83
CA GLU A 272 11.55 2.96 32.60
C GLU A 272 12.55 3.40 33.68
N LYS A 273 13.40 2.47 34.09
CA LYS A 273 14.37 2.75 35.15
C LYS A 273 15.37 3.83 34.74
N GLY A 274 16.10 3.57 33.64
CA GLY A 274 17.14 4.48 33.14
C GLY A 274 16.67 5.90 32.90
N ILE A 275 15.49 6.05 32.32
CA ILE A 275 14.92 7.35 31.99
C ILE A 275 14.67 8.20 33.25
N ASP A 276 14.06 7.57 34.26
CA ASP A 276 13.84 8.23 35.55
C ASP A 276 15.14 8.77 36.14
N ASP A 277 16.16 7.93 36.20
CA ASP A 277 17.48 8.30 36.74
C ASP A 277 17.99 9.62 36.18
N ILE A 278 17.86 9.77 34.86
CA ILE A 278 18.29 10.99 34.15
C ILE A 278 17.36 12.18 34.42
N MET A 279 16.07 11.90 34.58
CA MET A 279 15.10 12.95 34.87
C MET A 279 15.31 13.53 36.27
N VAL A 280 15.86 12.73 37.19
CA VAL A 280 16.17 13.18 38.55
C VAL A 280 17.19 14.32 38.49
N SER A 281 18.32 14.05 37.85
CA SER A 281 19.39 15.03 37.65
C SER A 281 18.84 16.29 36.98
N LEU A 282 18.08 16.07 35.92
CA LEU A 282 17.49 17.14 35.11
C LEU A 282 16.58 18.05 35.94
N ALA A 283 15.73 17.43 36.76
CA ALA A 283 14.78 18.15 37.60
C ALA A 283 15.45 18.81 38.80
N ALA A 284 16.50 18.19 39.31
CA ALA A 284 17.22 18.68 40.49
C ALA A 284 17.91 20.01 40.23
N LYS A 285 18.40 20.19 39.00
CA LYS A 285 19.07 21.42 38.59
C LYS A 285 18.12 22.63 38.60
N ASP A 286 16.82 22.36 38.55
CA ASP A 286 15.79 23.39 38.60
C ASP A 286 15.29 23.57 40.04
N GLY A 287 15.54 22.58 40.88
CA GLY A 287 15.10 22.61 42.28
C GLY A 287 13.79 21.88 42.51
N ILE A 288 13.45 20.96 41.60
CA ILE A 288 12.19 20.22 41.64
C ILE A 288 12.46 18.71 41.75
N ASP A 289 11.79 18.05 42.69
CA ASP A 289 11.91 16.60 42.85
C ASP A 289 11.11 15.84 41.78
N TRP A 290 11.82 15.16 40.89
CA TRP A 290 11.21 14.49 39.74
C TRP A 290 10.12 13.48 40.08
N ILE A 291 10.45 12.49 40.91
CA ILE A 291 9.52 11.41 41.29
C ILE A 291 8.13 11.91 41.67
N GLU A 292 8.05 13.14 42.16
CA GLU A 292 6.78 13.74 42.54
C GLU A 292 6.19 14.63 41.46
N TYR A 293 7.04 15.29 40.67
CA TYR A 293 6.57 16.13 39.58
C TYR A 293 5.84 15.30 38.52
N LYS A 294 6.36 14.09 38.28
CA LYS A 294 5.75 13.12 37.36
C LYS A 294 4.29 12.83 37.70
N ARG A 295 3.97 12.84 39.00
CA ARG A 295 2.61 12.63 39.47
C ARG A 295 1.63 13.72 39.00
N THR A 296 2.09 14.96 38.90
CA THR A 296 1.28 16.04 38.32
C THR A 296 1.18 15.90 36.80
N LEU A 297 2.27 15.44 36.18
CA LEU A 297 2.27 15.10 34.75
C LEU A 297 1.29 13.98 34.41
N LYS A 298 1.20 12.96 35.29
CA LYS A 298 0.25 11.87 35.11
C LYS A 298 -1.19 12.36 35.17
N LYS A 299 -1.51 13.06 36.25
CA LYS A 299 -2.83 13.67 36.47
C LYS A 299 -3.27 14.53 35.27
N ALA A 300 -2.32 15.23 34.67
CA ALA A 300 -2.58 16.10 33.53
C ALA A 300 -2.55 15.39 32.16
N GLU A 301 -2.36 14.06 32.17
CA GLU A 301 -2.32 13.21 30.95
C GLU A 301 -1.11 13.46 30.06
N GLN A 302 0.02 13.80 30.66
CA GLN A 302 1.16 14.33 29.91
C GLN A 302 2.36 13.40 29.98
N TRP A 303 2.45 12.64 31.06
CA TRP A 303 3.41 11.56 31.15
C TRP A 303 2.60 10.27 31.06
N ASN A 304 2.70 9.60 29.93
CA ASN A 304 1.91 8.40 29.66
C ASN A 304 2.80 7.19 29.37
N VAL A 305 2.84 6.27 30.33
CA VAL A 305 3.71 5.10 30.27
C VAL A 305 2.89 3.82 30.08
N GLU A 306 3.46 2.82 29.42
CA GLU A 306 2.87 1.49 29.37
C GLU A 306 3.93 0.50 28.91
N VAL A 307 4.43 -0.30 29.86
CA VAL A 307 5.56 -1.18 29.61
C VAL A 307 5.23 -2.65 29.93
N TYR A 308 6.01 -3.56 29.36
CA TYR A 308 5.71 -5.00 29.44
C TYR A 308 6.95 -5.90 29.35
N SER B 14 15.47 -4.93 -31.46
CA SER B 14 14.18 -4.83 -30.71
C SER B 14 13.95 -3.41 -30.19
N LYS B 15 12.87 -2.78 -30.65
CA LYS B 15 12.60 -1.37 -30.37
C LYS B 15 11.90 -1.11 -29.01
N LYS B 16 11.43 -2.18 -28.37
CA LYS B 16 10.71 -2.07 -27.11
C LYS B 16 11.52 -2.63 -25.93
N GLN B 17 11.13 -2.24 -24.71
CA GLN B 17 11.82 -2.65 -23.48
C GLN B 17 11.66 -4.14 -23.18
N ASP B 18 12.38 -4.98 -23.90
CA ASP B 18 12.29 -6.42 -23.70
C ASP B 18 13.61 -7.06 -23.28
N GLU B 19 14.48 -6.28 -22.67
CA GLU B 19 15.78 -6.79 -22.24
C GLU B 19 15.60 -7.70 -21.03
N ASN B 20 16.00 -8.96 -21.19
CA ASN B 20 15.85 -10.01 -20.16
C ASN B 20 14.41 -10.26 -19.73
N ILE B 21 13.49 -10.24 -20.70
CA ILE B 21 12.06 -10.53 -20.46
C ILE B 21 11.82 -11.94 -19.95
N VAL B 22 10.74 -12.10 -19.18
CA VAL B 22 10.33 -13.41 -18.71
C VAL B 22 8.89 -13.65 -19.13
N VAL B 23 8.68 -14.70 -19.90
CA VAL B 23 7.35 -15.11 -20.33
C VAL B 23 7.12 -16.58 -19.97
N ASN B 24 5.90 -16.88 -19.54
CA ASN B 24 5.42 -18.24 -19.30
C ASN B 24 5.88 -18.93 -18.00
N LYS B 25 6.78 -18.32 -17.23
CA LYS B 25 7.33 -18.94 -16.00
C LYS B 25 6.35 -19.87 -15.25
N PHE B 26 5.08 -19.47 -15.19
CA PHE B 26 4.07 -20.30 -14.54
C PHE B 26 3.04 -20.82 -15.54
N LYS B 27 3.09 -22.14 -15.76
CA LYS B 27 2.18 -22.84 -16.67
C LYS B 27 0.87 -23.20 -15.95
N PRO B 28 -0.27 -23.20 -16.69
CA PRO B 28 -1.60 -23.43 -16.10
C PRO B 28 -1.69 -24.67 -15.20
N LYS B 29 -0.97 -25.73 -15.58
CA LYS B 29 -0.94 -26.99 -14.84
C LYS B 29 -0.17 -26.90 -13.51
N GLU B 30 0.54 -25.79 -13.29
CA GLU B 30 1.36 -25.60 -12.08
C GLU B 30 1.44 -24.13 -11.55
N PRO B 31 0.28 -23.47 -11.41
CA PRO B 31 0.22 -22.00 -11.23
C PRO B 31 0.82 -21.46 -9.93
N TYR B 32 1.41 -20.28 -9.98
CA TYR B 32 1.76 -19.55 -8.76
C TYR B 32 0.52 -19.36 -7.91
N VAL B 33 0.61 -19.67 -6.63
CA VAL B 33 -0.53 -19.56 -5.73
C VAL B 33 -0.39 -18.28 -4.92
N GLY B 34 -1.08 -17.23 -5.36
CA GLY B 34 -0.98 -15.93 -4.70
C GLY B 34 -2.03 -15.73 -3.63
N ARG B 35 -2.12 -14.51 -3.14
CA ARG B 35 -3.14 -14.17 -2.16
C ARG B 35 -3.66 -12.75 -2.39
N CYS B 36 -4.91 -12.51 -2.01
CA CYS B 36 -5.53 -11.22 -2.25
C CYS B 36 -5.34 -10.24 -1.09
N LEU B 37 -4.71 -9.10 -1.34
CA LEU B 37 -4.51 -8.10 -0.29
C LEU B 37 -5.59 -7.00 -0.32
N LEU B 38 -5.89 -6.52 -1.52
CA LEU B 38 -6.88 -5.50 -1.76
C LEU B 38 -7.96 -5.95 -2.73
N ASN B 39 -9.16 -5.37 -2.60
CA ASN B 39 -10.19 -5.51 -3.60
C ASN B 39 -11.25 -4.43 -3.48
N THR B 40 -11.13 -3.37 -4.29
CA THR B 40 -12.08 -2.28 -4.28
C THR B 40 -12.75 -2.05 -5.64
N LYS B 41 -14.08 -1.87 -5.60
CA LYS B 41 -14.84 -1.44 -6.75
C LYS B 41 -14.52 0.03 -6.98
N ILE B 42 -13.93 0.34 -8.14
CA ILE B 42 -13.45 1.69 -8.44
C ILE B 42 -14.44 2.51 -9.27
N THR B 43 -15.57 1.90 -9.62
CA THR B 43 -16.64 2.58 -10.36
C THR B 43 -17.75 2.98 -9.41
N GLY B 44 -18.41 4.10 -9.71
CA GLY B 44 -19.54 4.61 -8.93
C GLY B 44 -20.72 3.65 -8.91
N ASP B 45 -21.68 3.93 -8.04
CA ASP B 45 -22.87 3.09 -7.90
C ASP B 45 -23.91 3.36 -9.00
N ASP B 46 -23.77 4.48 -9.70
CA ASP B 46 -24.65 4.81 -10.81
C ASP B 46 -24.24 4.06 -12.07
N ALA B 47 -22.95 3.69 -12.14
CA ALA B 47 -22.34 3.11 -13.32
C ALA B 47 -23.11 1.91 -13.88
N PRO B 48 -23.14 1.76 -15.22
CA PRO B 48 -23.88 0.70 -15.90
C PRO B 48 -23.38 -0.69 -15.51
N GLY B 49 -22.10 -0.76 -15.14
CA GLY B 49 -21.46 -1.98 -14.67
C GLY B 49 -20.34 -1.66 -13.70
N GLU B 50 -19.82 -2.66 -13.02
CA GLU B 50 -18.78 -2.44 -12.03
C GLU B 50 -17.40 -3.02 -12.38
N THR B 51 -16.35 -2.23 -12.14
CA THR B 51 -14.96 -2.64 -12.34
C THR B 51 -14.17 -2.57 -11.02
N TRP B 52 -13.34 -3.58 -10.78
CA TRP B 52 -12.62 -3.72 -9.52
C TRP B 52 -11.11 -3.66 -9.70
N HIS B 53 -10.46 -2.82 -8.91
CA HIS B 53 -9.01 -2.82 -8.82
C HIS B 53 -8.64 -3.64 -7.61
N MET B 54 -8.09 -4.83 -7.87
CA MET B 54 -7.59 -5.69 -6.80
C MET B 54 -6.07 -5.66 -6.79
N VAL B 55 -5.47 -6.18 -5.71
CA VAL B 55 -4.00 -6.28 -5.57
C VAL B 55 -3.64 -7.65 -4.99
N PHE B 56 -2.66 -8.31 -5.61
CA PHE B 56 -2.20 -9.65 -5.18
C PHE B 56 -0.76 -9.71 -4.68
N SER B 57 -0.48 -10.66 -3.79
CA SER B 57 0.86 -10.86 -3.29
C SER B 57 1.56 -11.98 -4.08
N THR B 58 2.69 -11.62 -4.66
CA THR B 58 3.46 -12.49 -5.54
C THR B 58 4.78 -12.86 -4.88
N GLU B 59 5.03 -12.28 -3.71
CA GLU B 59 6.29 -12.43 -2.97
C GLU B 59 7.50 -12.37 -3.91
N GLY B 60 7.38 -11.57 -4.97
CA GLY B 60 8.42 -11.42 -5.98
C GLY B 60 8.64 -12.56 -6.96
N GLU B 61 7.89 -13.66 -6.82
CA GLU B 61 8.09 -14.85 -7.67
C GLU B 61 7.75 -14.67 -9.16
N VAL B 62 6.81 -13.77 -9.46
CA VAL B 62 6.34 -13.52 -10.83
C VAL B 62 6.97 -12.22 -11.39
N PRO B 63 8.04 -12.36 -12.20
CA PRO B 63 8.85 -11.23 -12.66
C PRO B 63 8.31 -10.53 -13.92
N TYR B 64 7.07 -10.06 -13.85
CA TYR B 64 6.42 -9.38 -14.97
C TYR B 64 6.96 -7.96 -15.19
N ARG B 65 6.76 -7.43 -16.39
CA ARG B 65 7.06 -6.02 -16.67
C ARG B 65 5.89 -5.28 -17.32
N GLU B 66 6.03 -3.96 -17.46
CA GLU B 66 4.94 -3.09 -17.90
C GLU B 66 4.29 -3.52 -19.20
N GLY B 67 2.96 -3.58 -19.19
CA GLY B 67 2.18 -3.90 -20.38
C GLY B 67 2.11 -5.38 -20.72
N GLN B 68 2.50 -6.23 -19.78
CA GLN B 68 2.25 -7.66 -19.91
C GLN B 68 0.95 -8.03 -19.22
N SER B 69 0.51 -9.26 -19.42
CA SER B 69 -0.72 -9.76 -18.81
C SER B 69 -0.46 -11.05 -18.06
N ILE B 70 -1.33 -11.38 -17.11
CA ILE B 70 -1.27 -12.68 -16.42
C ILE B 70 -2.52 -13.52 -16.62
N GLY B 71 -2.31 -14.83 -16.80
CA GLY B 71 -3.39 -15.81 -16.88
C GLY B 71 -3.87 -16.25 -15.50
N ILE B 72 -5.18 -16.45 -15.39
CA ILE B 72 -5.85 -16.77 -14.11
C ILE B 72 -6.76 -18.00 -14.29
N VAL B 73 -6.62 -18.96 -13.39
CA VAL B 73 -7.44 -20.18 -13.41
C VAL B 73 -8.45 -20.14 -12.27
N PRO B 74 -9.72 -19.81 -12.59
CA PRO B 74 -10.72 -19.57 -11.55
C PRO B 74 -11.12 -20.84 -10.80
N ASP B 75 -11.67 -20.66 -9.59
CA ASP B 75 -12.03 -21.78 -8.72
C ASP B 75 -13.20 -22.61 -9.27
N GLY B 76 -13.27 -23.87 -8.84
CA GLY B 76 -14.42 -24.71 -9.13
C GLY B 76 -14.38 -25.49 -10.43
N ILE B 77 -15.49 -26.17 -10.69
CA ILE B 77 -15.66 -27.10 -11.80
C ILE B 77 -16.52 -26.43 -12.89
N ASP B 78 -16.39 -26.89 -14.13
CA ASP B 78 -17.23 -26.40 -15.22
C ASP B 78 -18.49 -27.25 -15.43
N LYS B 79 -19.18 -27.02 -16.55
CA LYS B 79 -20.42 -27.71 -16.89
C LYS B 79 -20.24 -29.22 -17.06
N ASN B 80 -19.07 -29.64 -17.57
CA ASN B 80 -18.81 -31.06 -17.84
C ASN B 80 -17.96 -31.79 -16.79
N GLY B 81 -17.69 -31.13 -15.67
CA GLY B 81 -16.93 -31.74 -14.58
C GLY B 81 -15.46 -31.34 -14.51
N LYS B 82 -14.97 -30.77 -15.61
CA LYS B 82 -13.56 -30.40 -15.75
C LYS B 82 -13.23 -29.03 -15.16
N PRO B 83 -11.98 -28.81 -14.73
CA PRO B 83 -11.59 -27.47 -14.25
C PRO B 83 -11.58 -26.42 -15.37
N HIS B 84 -11.81 -25.16 -14.99
CA HIS B 84 -11.83 -24.03 -15.94
C HIS B 84 -10.43 -23.72 -16.47
N LYS B 85 -10.34 -23.42 -17.77
CA LYS B 85 -9.08 -22.96 -18.33
C LYS B 85 -8.90 -21.46 -18.12
N LEU B 86 -7.64 -21.00 -18.13
CA LEU B 86 -7.28 -19.64 -17.73
C LEU B 86 -7.96 -18.54 -18.53
N ARG B 87 -8.01 -17.34 -17.96
CA ARG B 87 -8.43 -16.13 -18.65
C ARG B 87 -7.33 -15.09 -18.52
N LEU B 88 -7.06 -14.35 -19.60
CA LEU B 88 -6.00 -13.35 -19.57
C LEU B 88 -6.45 -12.01 -19.00
N TYR B 89 -5.58 -11.39 -18.22
CA TYR B 89 -5.86 -10.08 -17.65
C TYR B 89 -4.63 -9.19 -17.71
N SER B 90 -4.84 -7.97 -18.21
CA SER B 90 -3.76 -6.98 -18.33
C SER B 90 -3.37 -6.49 -16.96
N ILE B 91 -2.08 -6.49 -16.68
CA ILE B 91 -1.55 -5.96 -15.42
C ILE B 91 -1.74 -4.45 -15.41
N ALA B 92 -2.33 -3.96 -14.32
CA ALA B 92 -2.61 -2.53 -14.16
C ALA B 92 -1.62 -1.83 -13.23
N SER B 93 -0.62 -2.60 -12.79
CA SER B 93 0.46 -2.11 -11.91
C SER B 93 1.81 -2.07 -12.65
N SER B 94 2.71 -1.22 -12.18
CA SER B 94 4.09 -1.18 -12.68
C SER B 94 4.82 -2.48 -12.32
N ALA B 95 6.09 -2.60 -12.72
CA ALA B 95 6.87 -3.80 -12.41
C ALA B 95 7.17 -3.94 -10.92
N ILE B 96 7.48 -2.83 -10.25
CA ILE B 96 7.73 -2.83 -8.81
C ILE B 96 6.45 -2.93 -7.98
N GLY B 97 5.31 -2.72 -8.63
CA GLY B 97 3.99 -2.90 -7.99
C GLY B 97 3.38 -1.64 -7.40
N ASP B 98 2.16 -1.77 -6.89
CA ASP B 98 1.44 -0.66 -6.25
C ASP B 98 2.06 -0.25 -4.91
N PHE B 99 2.86 -1.13 -4.32
CA PHE B 99 3.52 -0.87 -3.03
C PHE B 99 5.02 -0.56 -3.14
N GLY B 100 5.52 -0.48 -4.37
CA GLY B 100 6.93 -0.19 -4.63
C GLY B 100 7.91 -1.17 -4.03
N ASP B 101 7.46 -2.41 -3.80
CA ASP B 101 8.27 -3.42 -3.13
C ASP B 101 8.64 -4.60 -4.02
N SER B 102 8.05 -4.65 -5.21
CA SER B 102 8.26 -5.76 -6.19
C SER B 102 7.75 -7.13 -5.71
N LYS B 103 6.66 -7.11 -4.92
CA LYS B 103 6.03 -8.34 -4.40
C LYS B 103 4.51 -8.33 -4.59
N THR B 104 4.02 -7.50 -5.52
CA THR B 104 2.59 -7.31 -5.77
C THR B 104 2.29 -7.20 -7.26
N VAL B 105 1.09 -7.62 -7.65
CA VAL B 105 0.57 -7.46 -9.01
C VAL B 105 -0.87 -7.01 -8.89
N SER B 106 -1.30 -6.14 -9.81
CA SER B 106 -2.67 -5.61 -9.77
C SER B 106 -3.41 -5.83 -11.08
N LEU B 107 -4.65 -6.29 -10.97
CA LEU B 107 -5.53 -6.44 -12.11
C LEU B 107 -6.58 -5.31 -12.10
N CYS B 108 -7.25 -5.10 -13.23
CA CYS B 108 -8.36 -4.16 -13.35
C CYS B 108 -9.50 -4.88 -14.04
N VAL B 109 -10.41 -5.44 -13.25
CA VAL B 109 -11.38 -6.43 -13.74
C VAL B 109 -12.80 -5.89 -13.83
N LYS B 110 -13.38 -5.93 -15.03
CA LYS B 110 -14.80 -5.62 -15.25
C LYS B 110 -15.63 -6.88 -15.01
N ARG B 111 -16.61 -6.76 -14.13
CA ARG B 111 -17.53 -7.84 -13.82
C ARG B 111 -18.43 -8.07 -15.02
N LEU B 112 -18.43 -9.29 -15.55
CA LEU B 112 -19.26 -9.62 -16.70
C LEU B 112 -20.61 -10.14 -16.25
N VAL B 113 -21.65 -9.36 -16.52
CA VAL B 113 -23.04 -9.68 -16.18
C VAL B 113 -23.94 -9.26 -17.35
N TYR B 114 -24.55 -10.25 -18.00
CA TYR B 114 -25.51 -9.99 -19.08
C TYR B 114 -26.74 -10.87 -18.92
N THR B 115 -27.86 -10.42 -19.49
CA THR B 115 -29.09 -11.21 -19.49
C THR B 115 -29.33 -11.81 -20.88
N ASN B 116 -29.54 -13.12 -20.92
CA ASN B 116 -29.72 -13.82 -22.18
C ASN B 116 -31.16 -13.80 -22.72
N ASP B 117 -31.35 -14.30 -23.94
CA ASP B 117 -32.66 -14.40 -24.57
C ASP B 117 -33.58 -15.42 -23.89
N ALA B 118 -33.01 -16.17 -22.94
CA ALA B 118 -33.79 -17.07 -22.08
C ALA B 118 -34.26 -16.36 -20.81
N GLY B 119 -33.89 -15.08 -20.68
CA GLY B 119 -34.31 -14.25 -19.56
C GLY B 119 -33.39 -14.31 -18.35
N GLU B 120 -32.54 -15.35 -18.31
CA GLU B 120 -31.66 -15.60 -17.17
C GLU B 120 -30.49 -14.62 -17.13
N VAL B 121 -30.20 -14.11 -15.95
CA VAL B 121 -29.04 -13.25 -15.73
C VAL B 121 -27.81 -14.14 -15.59
N VAL B 122 -26.93 -14.09 -16.59
CA VAL B 122 -25.73 -14.91 -16.62
C VAL B 122 -24.54 -14.10 -16.13
N LYS B 123 -23.73 -14.71 -15.26
CA LYS B 123 -22.48 -14.10 -14.77
C LYS B 123 -21.29 -14.77 -15.43
N GLY B 124 -20.35 -13.96 -15.92
CA GLY B 124 -19.11 -14.48 -16.46
C GLY B 124 -18.26 -15.14 -15.37
N VAL B 125 -17.79 -16.35 -15.64
CA VAL B 125 -17.14 -17.21 -14.64
C VAL B 125 -15.91 -16.61 -13.93
N CYS B 126 -14.86 -16.26 -14.69
CA CYS B 126 -13.60 -15.81 -14.09
C CYS B 126 -13.68 -14.40 -13.50
N SER B 127 -14.25 -13.46 -14.25
CA SER B 127 -14.33 -12.07 -13.80
C SER B 127 -15.19 -11.93 -12.54
N ASN B 128 -16.15 -12.84 -12.37
CA ASN B 128 -16.97 -12.87 -11.17
C ASN B 128 -16.30 -13.60 -10.02
N PHE B 129 -15.44 -14.56 -10.35
CA PHE B 129 -14.61 -15.20 -9.33
C PHE B 129 -13.60 -14.19 -8.78
N LEU B 130 -13.02 -13.38 -9.68
CA LEU B 130 -12.09 -12.31 -9.30
C LEU B 130 -12.74 -11.21 -8.46
N CYS B 131 -13.83 -10.62 -8.95
CA CYS B 131 -14.47 -9.48 -8.25
C CYS B 131 -15.14 -9.88 -6.92
N ASP B 132 -15.25 -11.19 -6.67
CA ASP B 132 -15.78 -11.71 -5.40
C ASP B 132 -14.67 -12.19 -4.46
N LEU B 133 -13.43 -11.85 -4.78
CA LEU B 133 -12.30 -12.18 -3.90
C LEU B 133 -12.34 -11.35 -2.65
N LYS B 134 -12.15 -12.02 -1.51
CA LYS B 134 -12.03 -11.34 -0.22
C LYS B 134 -10.57 -11.34 0.21
N PRO B 135 -10.09 -10.21 0.76
CA PRO B 135 -8.71 -10.15 1.24
C PRO B 135 -8.34 -11.42 1.98
N GLY B 136 -7.28 -12.09 1.53
CA GLY B 136 -6.79 -13.29 2.19
C GLY B 136 -6.98 -14.57 1.40
N SER B 137 -7.76 -14.50 0.34
CA SER B 137 -8.09 -15.69 -0.46
C SER B 137 -6.99 -16.07 -1.45
N GLU B 138 -6.97 -17.34 -1.85
CA GLU B 138 -6.04 -17.81 -2.89
C GLU B 138 -6.42 -17.30 -4.28
N VAL B 139 -5.44 -17.19 -5.17
CA VAL B 139 -5.65 -16.77 -6.55
C VAL B 139 -4.57 -17.40 -7.46
N LYS B 140 -4.97 -18.38 -8.28
CA LYS B 140 -4.02 -19.18 -9.10
C LYS B 140 -3.53 -18.45 -10.36
N ILE B 141 -2.27 -17.98 -10.31
CA ILE B 141 -1.72 -17.10 -11.34
C ILE B 141 -0.76 -17.83 -12.28
N THR B 142 -0.93 -17.60 -13.58
CA THR B 142 0.01 -18.10 -14.58
C THR B 142 0.57 -16.97 -15.45
N GLY B 143 1.79 -17.16 -15.92
CA GLY B 143 2.44 -16.21 -16.81
C GLY B 143 3.84 -15.83 -16.36
N PRO B 144 4.25 -14.59 -16.66
CA PRO B 144 3.42 -13.63 -17.37
C PRO B 144 3.41 -13.91 -18.87
N VAL B 145 2.46 -13.32 -19.58
CA VAL B 145 2.36 -13.52 -21.03
C VAL B 145 2.20 -12.16 -21.74
N GLY B 146 2.90 -12.01 -22.86
CA GLY B 146 2.82 -10.79 -23.67
C GLY B 146 4.18 -10.23 -24.04
N LYS B 147 4.31 -9.81 -25.30
CA LYS B 147 5.51 -9.14 -25.79
C LYS B 147 5.16 -7.99 -26.74
N GLU B 148 3.88 -7.91 -27.11
CA GLU B 148 3.38 -6.88 -28.02
C GLU B 148 3.32 -5.51 -27.36
N MET B 149 2.73 -5.46 -26.16
CA MET B 149 2.39 -4.19 -25.52
C MET B 149 3.46 -3.67 -24.56
N LEU B 150 4.72 -3.95 -24.87
CA LEU B 150 5.82 -3.54 -24.00
C LEU B 150 6.19 -2.07 -24.21
N MET B 151 6.77 -1.46 -23.16
CA MET B 151 7.19 -0.06 -23.17
C MET B 151 8.30 0.22 -24.17
N PRO B 152 8.35 1.45 -24.72
CA PRO B 152 9.45 1.83 -25.61
C PRO B 152 10.75 2.14 -24.85
N LYS B 153 11.87 1.65 -25.40
CA LYS B 153 13.20 1.89 -24.84
C LYS B 153 13.56 3.38 -24.80
N ASP B 154 13.07 4.11 -25.79
CA ASP B 154 13.30 5.56 -25.93
C ASP B 154 12.63 6.32 -24.78
N PRO B 155 13.43 7.03 -23.96
CA PRO B 155 12.90 7.86 -22.88
C PRO B 155 12.32 9.18 -23.37
N ASN B 156 12.72 9.60 -24.57
CA ASN B 156 12.21 10.81 -25.21
C ASN B 156 10.95 10.55 -26.03
N ALA B 157 10.63 9.27 -26.22
CA ALA B 157 9.57 8.86 -27.13
C ALA B 157 8.21 9.49 -26.84
N THR B 158 7.49 9.81 -27.91
CA THR B 158 6.09 10.21 -27.81
C THR B 158 5.27 8.94 -27.70
N VAL B 159 4.52 8.83 -26.61
CA VAL B 159 3.68 7.65 -26.38
C VAL B 159 2.21 8.05 -26.28
N ILE B 160 1.44 7.69 -27.32
CA ILE B 160 0.01 7.95 -27.38
C ILE B 160 -0.75 6.67 -27.00
N MET B 161 -1.58 6.77 -25.98
CA MET B 161 -2.29 5.61 -25.45
C MET B 161 -3.80 5.76 -25.61
N LEU B 162 -4.38 4.89 -26.42
CA LEU B 162 -5.81 4.90 -26.70
C LEU B 162 -6.49 3.74 -26.00
N GLY B 163 -7.45 4.04 -25.13
CA GLY B 163 -8.11 3.02 -24.33
C GLY B 163 -9.56 3.26 -23.99
N THR B 164 -10.31 2.17 -23.86
CA THR B 164 -11.70 2.20 -23.38
C THR B 164 -11.87 1.10 -22.34
N GLY B 165 -12.65 1.39 -21.29
CA GLY B 165 -12.92 0.43 -20.23
C GLY B 165 -11.66 -0.10 -19.55
N THR B 166 -11.58 -1.42 -19.39
CA THR B 166 -10.43 -2.07 -18.76
C THR B 166 -9.16 -1.96 -19.62
N GLY B 167 -9.29 -1.34 -20.78
CA GLY B 167 -8.14 -1.05 -21.62
C GLY B 167 -7.15 -0.11 -20.95
N ILE B 168 -7.60 0.55 -19.90
CA ILE B 168 -6.74 1.46 -19.14
C ILE B 168 -5.64 0.72 -18.37
N ALA B 169 -5.85 -0.57 -18.11
CA ALA B 169 -4.91 -1.37 -17.32
C ALA B 169 -3.43 -1.15 -17.67
N PRO B 170 -2.99 -1.55 -18.89
CA PRO B 170 -1.56 -1.41 -19.19
C PRO B 170 -1.04 0.04 -19.13
N PHE B 171 -1.93 0.99 -19.39
CA PHE B 171 -1.53 2.40 -19.43
C PHE B 171 -1.30 2.99 -18.03
N ARG B 172 -2.05 2.52 -17.05
CA ARG B 172 -1.74 2.82 -15.65
C ARG B 172 -0.36 2.27 -15.28
N SER B 173 -0.04 1.09 -15.80
CA SER B 173 1.27 0.45 -15.58
C SER B 173 2.41 1.29 -16.15
N PHE B 174 2.21 1.79 -17.38
CA PHE B 174 3.16 2.65 -18.07
C PHE B 174 3.39 3.95 -17.31
N LEU B 175 2.29 4.63 -17.00
CA LEU B 175 2.34 5.98 -16.43
C LEU B 175 2.79 6.01 -14.97
N TRP B 176 2.70 4.88 -14.28
CA TRP B 176 3.24 4.73 -12.92
C TRP B 176 4.76 4.76 -12.94
N LYS B 177 5.35 3.99 -13.85
CA LYS B 177 6.80 3.97 -14.02
C LYS B 177 7.30 5.32 -14.56
N MET B 178 6.44 6.00 -15.31
CA MET B 178 6.79 7.25 -15.97
C MET B 178 6.77 8.46 -15.04
N PHE B 179 5.84 8.49 -14.10
CA PHE B 179 5.62 9.69 -13.29
C PHE B 179 5.60 9.48 -11.78
N PHE B 180 5.25 8.27 -11.33
CA PHE B 180 5.19 7.98 -9.90
C PHE B 180 6.47 7.33 -9.38
N GLU B 181 7.43 7.10 -10.27
CA GLU B 181 8.64 6.38 -9.90
C GLU B 181 9.94 7.03 -10.39
N LYS B 182 10.98 6.86 -9.60
CA LYS B 182 12.34 7.22 -9.99
C LYS B 182 13.12 5.94 -10.27
N HIS B 183 13.84 5.93 -11.39
CA HIS B 183 14.68 4.79 -11.78
C HIS B 183 16.00 5.24 -12.39
N GLU B 184 17.01 4.40 -12.25
CA GLU B 184 18.36 4.73 -12.72
C GLU B 184 18.61 4.34 -14.20
N ASP B 185 17.52 4.09 -14.92
CA ASP B 185 17.57 3.90 -16.38
C ASP B 185 16.61 4.88 -17.03
N TYR B 186 15.35 4.78 -16.64
CA TYR B 186 14.25 5.47 -17.30
C TYR B 186 13.90 6.77 -16.59
N GLN B 187 14.16 7.88 -17.28
CA GLN B 187 13.80 9.20 -16.81
C GLN B 187 13.04 9.90 -17.93
N PHE B 188 11.72 9.71 -17.94
CA PHE B 188 10.85 10.10 -19.05
C PHE B 188 10.90 11.59 -19.39
N ASN B 189 11.72 11.92 -20.38
CA ASN B 189 11.87 13.29 -20.88
C ASN B 189 11.14 13.49 -22.21
N GLY B 190 10.00 12.84 -22.36
CA GLY B 190 9.22 12.90 -23.58
C GLY B 190 7.77 13.30 -23.35
N LEU B 191 6.89 12.91 -24.27
CA LEU B 191 5.48 13.23 -24.16
C LEU B 191 4.62 11.98 -24.05
N ALA B 192 3.76 11.97 -23.03
CA ALA B 192 2.77 10.92 -22.86
C ALA B 192 1.38 11.50 -23.01
N TRP B 193 0.55 10.86 -23.83
CA TRP B 193 -0.80 11.31 -24.10
C TRP B 193 -1.77 10.16 -23.89
N LEU B 194 -2.75 10.38 -23.01
CA LEU B 194 -3.75 9.36 -22.71
C LEU B 194 -5.15 9.75 -23.16
N PHE B 195 -5.71 8.92 -24.04
CA PHE B 195 -7.12 8.99 -24.41
C PHE B 195 -7.87 7.84 -23.74
N LEU B 196 -8.97 8.17 -23.06
CA LEU B 196 -9.78 7.17 -22.37
C LEU B 196 -11.27 7.35 -22.66
N GLY B 197 -11.89 6.28 -23.16
CA GLY B 197 -13.33 6.28 -23.45
C GLY B 197 -14.16 5.43 -22.49
N VAL B 198 -15.22 6.03 -21.96
CA VAL B 198 -16.14 5.36 -21.05
C VAL B 198 -17.58 5.86 -21.27
N PRO B 199 -18.59 5.11 -20.79
CA PRO B 199 -19.98 5.54 -20.89
C PRO B 199 -20.30 6.77 -20.03
N THR B 200 -20.45 6.57 -18.72
CA THR B 200 -20.77 7.67 -17.79
C THR B 200 -19.51 8.18 -17.10
N SER B 201 -19.66 9.27 -16.34
CA SER B 201 -18.57 9.75 -15.48
C SER B 201 -18.27 8.75 -14.37
N SER B 202 -19.31 8.10 -13.86
CA SER B 202 -19.17 7.08 -12.83
C SER B 202 -18.45 5.83 -13.32
N SER B 203 -18.10 5.81 -14.61
CA SER B 203 -17.38 4.68 -15.21
C SER B 203 -15.87 4.95 -15.34
N LEU B 204 -15.46 6.18 -15.07
CA LEU B 204 -14.05 6.60 -15.17
C LEU B 204 -13.13 5.79 -14.27
N LEU B 205 -11.98 5.37 -14.79
CA LEU B 205 -11.06 4.51 -14.07
C LEU B 205 -9.72 5.17 -13.76
N TYR B 206 -9.44 5.34 -12.46
CA TYR B 206 -8.20 5.94 -11.96
C TYR B 206 -8.06 7.45 -12.26
N LYS B 207 -9.20 8.13 -12.39
CA LYS B 207 -9.23 9.56 -12.72
C LYS B 207 -8.37 10.41 -11.77
N GLU B 208 -8.52 10.15 -10.47
CA GLU B 208 -7.77 10.85 -9.42
C GLU B 208 -6.25 10.83 -9.68
N GLU B 209 -5.75 9.67 -10.10
CA GLU B 209 -4.33 9.46 -10.34
C GLU B 209 -3.81 10.27 -11.53
N PHE B 210 -4.46 10.11 -12.69
CA PHE B 210 -4.01 10.75 -13.92
C PHE B 210 -4.05 12.28 -13.84
N GLU B 211 -5.02 12.81 -13.09
CA GLU B 211 -5.07 14.25 -12.80
C GLU B 211 -3.84 14.72 -12.03
N LYS B 212 -3.32 13.86 -11.15
CA LYS B 212 -2.14 14.17 -10.34
C LYS B 212 -0.85 14.14 -11.16
N MET B 213 -0.79 13.24 -12.16
CA MET B 213 0.34 13.18 -13.09
C MET B 213 0.37 14.43 -13.97
N LYS B 214 -0.82 14.94 -14.28
CA LYS B 214 -1.00 16.12 -15.13
C LYS B 214 -0.50 17.42 -14.46
N GLU B 215 -0.83 17.59 -13.17
CA GLU B 215 -0.44 18.77 -12.41
C GLU B 215 1.04 18.74 -12.00
N LYS B 216 1.63 17.54 -11.98
CA LYS B 216 3.02 17.37 -11.60
C LYS B 216 3.95 17.64 -12.80
N ALA B 217 3.64 16.99 -13.93
CA ALA B 217 4.40 17.19 -15.17
C ALA B 217 3.46 17.59 -16.32
N PRO B 218 3.24 18.91 -16.49
CA PRO B 218 2.31 19.42 -17.51
C PRO B 218 2.87 19.30 -18.93
N GLU B 219 4.18 19.42 -19.07
CA GLU B 219 4.85 19.41 -20.38
C GLU B 219 5.01 17.99 -20.90
N ASN B 220 4.97 17.02 -19.99
CA ASN B 220 5.26 15.63 -20.31
C ASN B 220 4.03 14.73 -20.40
N PHE B 221 2.89 15.24 -19.95
CA PHE B 221 1.66 14.44 -19.94
C PHE B 221 0.40 15.23 -20.30
N ARG B 222 -0.31 14.77 -21.32
CA ARG B 222 -1.62 15.28 -21.71
C ARG B 222 -2.72 14.29 -21.34
N LEU B 223 -3.91 14.81 -21.04
CA LEU B 223 -5.01 13.97 -20.56
C LEU B 223 -6.36 14.37 -21.17
N ASP B 224 -7.01 13.38 -21.80
CA ASP B 224 -8.31 13.59 -22.44
C ASP B 224 -9.26 12.42 -22.20
N PHE B 225 -10.47 12.73 -21.72
CA PHE B 225 -11.49 11.75 -21.43
C PHE B 225 -12.63 11.80 -22.43
N ALA B 226 -13.21 10.64 -22.72
CA ALA B 226 -14.36 10.54 -23.62
C ALA B 226 -15.55 9.88 -22.94
N VAL B 227 -16.48 10.74 -22.47
CA VAL B 227 -17.69 10.30 -21.79
C VAL B 227 -18.86 10.33 -22.77
N SER B 228 -19.12 9.19 -23.39
CA SER B 228 -20.10 9.06 -24.49
C SER B 228 -21.51 9.49 -24.10
N ARG B 229 -21.94 9.09 -22.91
CA ARG B 229 -23.30 9.34 -22.44
C ARG B 229 -23.55 10.76 -21.95
N GLU B 230 -22.48 11.55 -21.80
CA GLU B 230 -22.59 12.86 -21.15
C GLU B 230 -21.92 14.01 -21.91
N GLN B 231 -21.17 13.70 -22.96
CA GLN B 231 -20.41 14.71 -23.71
C GLN B 231 -20.72 14.79 -25.20
N VAL B 232 -20.65 16.01 -25.73
CA VAL B 232 -20.94 16.34 -27.12
C VAL B 232 -19.74 17.05 -27.74
N ASN B 233 -19.54 16.88 -29.05
CA ASN B 233 -18.40 17.51 -29.75
C ASN B 233 -18.80 18.75 -30.57
N ASP B 234 -18.05 19.00 -31.65
CA ASP B 234 -18.33 20.05 -32.63
C ASP B 234 -19.81 20.16 -33.01
N LYS B 235 -20.36 19.08 -33.59
CA LYS B 235 -21.68 19.12 -34.23
C LYS B 235 -22.75 18.31 -33.48
N GLY B 236 -22.60 18.17 -32.17
CA GLY B 236 -23.60 17.49 -31.36
C GLY B 236 -23.41 15.98 -31.25
N GLU B 237 -22.38 15.46 -31.91
CA GLU B 237 -22.07 14.02 -31.89
C GLU B 237 -21.64 13.59 -30.50
N LYS B 238 -21.98 12.35 -30.14
CA LYS B 238 -21.59 11.79 -28.84
C LYS B 238 -20.07 11.59 -28.77
N MET B 239 -19.48 12.04 -27.67
CA MET B 239 -18.02 12.04 -27.49
C MET B 239 -17.48 10.64 -27.20
N TYR B 240 -17.24 9.86 -28.25
CA TYR B 240 -16.56 8.56 -28.12
C TYR B 240 -15.06 8.79 -28.13
N ILE B 241 -14.28 7.72 -27.96
CA ILE B 241 -12.81 7.84 -27.92
C ILE B 241 -12.24 8.54 -29.16
N GLN B 242 -12.72 8.15 -30.33
CA GLN B 242 -12.26 8.71 -31.60
C GLN B 242 -12.77 10.15 -31.81
N THR B 243 -13.87 10.49 -31.13
CA THR B 243 -14.46 11.82 -31.24
C THR B 243 -13.60 12.85 -30.52
N ARG B 244 -12.98 12.43 -29.42
CA ARG B 244 -12.01 13.26 -28.70
C ARG B 244 -10.72 13.35 -29.49
N MET B 245 -10.30 12.23 -30.06
CA MET B 245 -9.11 12.16 -30.91
C MET B 245 -9.18 13.11 -32.10
N ALA B 246 -10.36 13.21 -32.72
CA ALA B 246 -10.59 14.05 -33.90
C ALA B 246 -10.39 15.54 -33.62
N GLN B 247 -10.45 15.92 -32.34
CA GLN B 247 -10.19 17.29 -31.92
C GLN B 247 -8.70 17.62 -32.06
N TYR B 248 -7.87 16.58 -32.06
CA TYR B 248 -6.42 16.72 -32.21
C TYR B 248 -5.92 15.97 -33.45
N ALA B 249 -6.80 15.83 -34.44
CA ALA B 249 -6.53 15.06 -35.66
C ALA B 249 -5.20 15.44 -36.32
N GLU B 250 -5.10 16.72 -36.72
CA GLU B 250 -3.90 17.29 -37.35
C GLU B 250 -2.62 17.12 -36.50
N GLU B 251 -2.76 17.26 -35.18
CA GLU B 251 -1.64 17.20 -34.26
C GLU B 251 -1.14 15.77 -34.08
N LEU B 252 -2.07 14.81 -34.10
CA LEU B 252 -1.74 13.39 -33.96
C LEU B 252 -1.11 12.85 -35.24
N TRP B 253 -1.70 13.22 -36.38
CA TRP B 253 -1.19 12.83 -37.70
C TRP B 253 0.24 13.33 -37.92
N GLU B 254 0.55 14.50 -37.36
CA GLU B 254 1.88 15.09 -37.44
C GLU B 254 2.89 14.31 -36.60
N LEU B 255 2.46 13.89 -35.41
CA LEU B 255 3.29 13.06 -34.54
C LEU B 255 3.49 11.66 -35.12
N LEU B 256 2.50 11.19 -35.87
CA LEU B 256 2.55 9.87 -36.51
C LEU B 256 3.60 9.74 -37.62
N LYS B 257 4.05 10.86 -38.18
CA LYS B 257 5.09 10.85 -39.21
C LYS B 257 6.51 10.98 -38.64
N LYS B 258 6.64 10.77 -37.32
CA LYS B 258 7.93 10.78 -36.65
C LYS B 258 8.35 9.35 -36.28
N ASP B 259 9.66 9.09 -36.35
CA ASP B 259 10.18 7.72 -36.18
C ASP B 259 10.20 7.21 -34.74
N ASN B 260 10.05 8.11 -33.76
CA ASN B 260 10.03 7.72 -32.35
C ASN B 260 8.69 7.91 -31.65
N THR B 261 7.62 8.01 -32.44
CA THR B 261 6.26 8.10 -31.90
C THR B 261 5.63 6.70 -31.89
N PHE B 262 5.04 6.34 -30.76
CA PHE B 262 4.45 5.01 -30.58
C PHE B 262 2.99 5.10 -30.14
N VAL B 263 2.14 4.35 -30.83
CA VAL B 263 0.71 4.30 -30.51
C VAL B 263 0.32 2.94 -29.94
N TYR B 264 -0.46 2.96 -28.86
CA TYR B 264 -0.93 1.76 -28.19
C TYR B 264 -2.45 1.76 -28.06
N MET B 265 -3.05 0.59 -28.24
CA MET B 265 -4.50 0.45 -28.20
C MET B 265 -4.96 -0.81 -27.47
N MET B 266 -5.58 -0.63 -26.31
CA MET B 266 -6.07 -1.74 -25.49
C MET B 266 -7.52 -1.49 -25.10
N GLY B 267 -8.32 -2.55 -25.03
CA GLY B 267 -9.71 -2.43 -24.61
C GLY B 267 -10.68 -3.32 -25.38
N LEU B 268 -11.95 -2.90 -25.41
CA LEU B 268 -13.02 -3.69 -26.04
C LEU B 268 -12.79 -3.96 -27.53
N LYS B 269 -13.46 -4.99 -28.04
CA LYS B 269 -13.30 -5.43 -29.42
C LYS B 269 -13.79 -4.39 -30.41
N GLY B 270 -14.84 -3.66 -30.04
CA GLY B 270 -15.50 -2.69 -30.92
C GLY B 270 -14.69 -1.46 -31.25
N MET B 271 -13.90 -0.99 -30.29
CA MET B 271 -13.21 0.30 -30.37
C MET B 271 -12.24 0.46 -31.57
N GLU B 272 -11.89 -0.64 -32.22
CA GLU B 272 -10.93 -0.60 -33.32
C GLU B 272 -11.52 0.00 -34.60
N LYS B 273 -12.73 -0.43 -34.94
CA LYS B 273 -13.46 0.07 -36.12
C LYS B 273 -13.69 1.58 -36.04
N GLY B 274 -14.12 2.06 -34.88
CA GLY B 274 -14.44 3.48 -34.65
C GLY B 274 -13.26 4.42 -34.83
N ILE B 275 -12.10 4.01 -34.32
CA ILE B 275 -10.88 4.79 -34.42
C ILE B 275 -10.39 4.87 -35.87
N ASP B 276 -10.45 3.75 -36.59
CA ASP B 276 -10.02 3.67 -37.99
C ASP B 276 -10.79 4.59 -38.93
N ASP B 277 -12.09 4.76 -38.68
CA ASP B 277 -12.95 5.58 -39.56
C ASP B 277 -12.63 7.08 -39.51
N ILE B 278 -11.87 7.48 -38.50
CA ILE B 278 -11.30 8.83 -38.45
C ILE B 278 -9.98 8.84 -39.21
N MET B 279 -9.26 7.72 -39.15
CA MET B 279 -7.98 7.56 -39.84
C MET B 279 -8.15 7.40 -41.35
N VAL B 280 -9.28 6.78 -41.76
CA VAL B 280 -9.63 6.64 -43.18
C VAL B 280 -9.87 8.03 -43.80
N SER B 281 -10.53 8.90 -43.04
CA SER B 281 -10.85 10.25 -43.49
C SER B 281 -9.66 11.21 -43.44
N LEU B 282 -8.85 11.09 -42.39
CA LEU B 282 -7.72 12.01 -42.18
C LEU B 282 -6.53 11.70 -43.10
N ALA B 283 -6.35 10.42 -43.41
CA ALA B 283 -5.34 10.00 -44.38
C ALA B 283 -5.74 10.33 -45.82
N ALA B 284 -7.05 10.44 -46.05
CA ALA B 284 -7.60 10.80 -47.36
C ALA B 284 -7.33 12.25 -47.74
N LYS B 285 -7.15 13.10 -46.73
CA LYS B 285 -6.84 14.52 -46.94
C LYS B 285 -5.36 14.76 -47.24
N ASP B 286 -4.49 13.90 -46.73
CA ASP B 286 -3.06 13.96 -47.02
C ASP B 286 -2.71 13.18 -48.30
N GLY B 287 -3.67 12.39 -48.78
CA GLY B 287 -3.52 11.65 -50.04
C GLY B 287 -2.88 10.28 -49.90
N ILE B 288 -3.18 9.60 -48.79
CA ILE B 288 -2.59 8.29 -48.47
C ILE B 288 -3.68 7.28 -48.06
N ASP B 289 -3.43 6.00 -48.36
CA ASP B 289 -4.33 4.92 -47.95
C ASP B 289 -3.97 4.43 -46.53
N TRP B 290 -4.88 4.64 -45.58
CA TRP B 290 -4.63 4.33 -44.17
C TRP B 290 -4.28 2.87 -43.90
N ILE B 291 -4.98 1.96 -44.59
CA ILE B 291 -4.73 0.52 -44.45
C ILE B 291 -3.24 0.20 -44.68
N GLU B 292 -2.66 0.78 -45.73
CA GLU B 292 -1.25 0.58 -46.05
C GLU B 292 -0.33 1.20 -44.99
N TYR B 293 -0.61 2.44 -44.61
CA TYR B 293 0.20 3.19 -43.65
C TYR B 293 0.20 2.55 -42.26
N LYS B 294 -0.89 1.88 -41.93
CA LYS B 294 -1.02 1.14 -40.68
C LYS B 294 -0.08 -0.06 -40.66
N ARG B 295 0.04 -0.74 -41.81
CA ARG B 295 0.93 -1.88 -41.97
C ARG B 295 2.40 -1.45 -41.90
N THR B 296 2.69 -0.28 -42.45
CA THR B 296 4.03 0.31 -42.40
C THR B 296 4.47 0.50 -40.94
N LEU B 297 3.54 0.93 -40.10
CA LEU B 297 3.81 1.17 -38.68
C LEU B 297 3.85 -0.12 -37.88
N LYS B 298 2.92 -1.04 -38.17
CA LYS B 298 2.80 -2.29 -37.43
C LYS B 298 4.06 -3.16 -37.50
N LYS B 299 4.67 -3.24 -38.68
CA LYS B 299 5.91 -3.99 -38.83
C LYS B 299 7.10 -3.22 -38.27
N ALA B 300 6.94 -1.91 -38.15
CA ALA B 300 7.96 -1.04 -37.56
C ALA B 300 7.82 -0.96 -36.04
N GLU B 301 6.88 -1.72 -35.49
CA GLU B 301 6.60 -1.79 -34.05
C GLU B 301 6.10 -0.47 -33.47
N GLN B 302 5.42 0.33 -34.30
CA GLN B 302 4.97 1.66 -33.90
C GLN B 302 3.46 1.75 -33.64
N TRP B 303 2.71 0.79 -34.20
CA TRP B 303 1.27 0.73 -34.01
C TRP B 303 0.93 -0.59 -33.32
N ASN B 304 0.46 -0.49 -32.08
CA ASN B 304 0.27 -1.65 -31.22
C ASN B 304 -1.17 -1.83 -30.75
N VAL B 305 -1.89 -2.75 -31.38
CA VAL B 305 -3.28 -3.03 -31.02
C VAL B 305 -3.43 -4.43 -30.42
N GLU B 306 -4.15 -4.50 -29.30
CA GLU B 306 -4.53 -5.76 -28.69
C GLU B 306 -5.89 -5.55 -28.04
N VAL B 307 -6.90 -6.24 -28.57
CA VAL B 307 -8.28 -6.07 -28.12
C VAL B 307 -8.97 -7.40 -27.81
N TYR B 308 -9.98 -7.35 -26.95
CA TYR B 308 -10.63 -8.55 -26.44
C TYR B 308 -12.15 -8.42 -26.33
PA FAD C . 4.51 -16.97 26.99
O1A FAD C . 3.46 -16.01 27.44
O2A FAD C . 4.16 -18.38 26.78
O5B FAD C . 5.72 -16.86 28.04
C5B FAD C . 5.79 -15.72 28.92
C4B FAD C . 6.28 -16.08 30.31
O4B FAD C . 7.67 -16.47 30.23
C3B FAD C . 6.26 -14.81 31.15
O3B FAD C . 5.02 -14.73 31.85
C2B FAD C . 7.40 -15.03 32.13
O2B FAD C . 6.95 -15.79 33.26
C1B FAD C . 8.39 -15.89 31.35
N9A FAD C . 9.50 -15.09 30.74
C8A FAD C . 9.37 -13.99 29.99
N7A FAD C . 10.59 -13.57 29.63
C5A FAD C . 11.49 -14.40 30.14
C6A FAD C . 12.87 -14.48 30.11
N6A FAD C . 13.57 -13.57 29.44
N1A FAD C . 13.49 -15.48 30.76
C2A FAD C . 12.80 -16.40 31.44
N3A FAD C . 11.48 -16.36 31.48
C4A FAD C . 10.79 -15.38 30.86
N1 FAD C . 4.92 -7.96 22.39
C2 FAD C . 5.43 -7.75 21.12
O2 FAD C . 6.23 -8.56 20.63
N3 FAD C . 5.02 -6.61 20.40
C4 FAD C . 4.11 -5.71 20.96
O4 FAD C . 3.74 -4.71 20.34
C4X FAD C . 3.61 -5.92 22.24
N5 FAD C . 2.71 -5.02 22.79
C5X FAD C . 2.18 -5.22 24.08
C6 FAD C . 1.28 -4.30 24.63
C7 FAD C . 0.77 -4.51 25.90
C7M FAD C . -0.23 -3.50 26.49
C8 FAD C . 1.16 -5.62 26.64
C8M FAD C . 0.61 -5.87 28.05
C9 FAD C . 2.06 -6.54 26.09
C9A FAD C . 2.58 -6.34 24.81
N10 FAD C . 3.50 -7.23 24.25
C10 FAD C . 4.01 -7.04 22.96
C1' FAD C . 4.02 -8.34 25.05
C2' FAD C . 3.30 -9.60 24.68
O2' FAD C . 2.34 -9.84 25.71
C3' FAD C . 4.35 -10.74 24.54
O3' FAD C . 4.71 -10.95 23.18
C4' FAD C . 3.82 -12.04 25.08
O4' FAD C . 3.73 -11.94 26.50
C5' FAD C . 4.79 -13.12 24.71
O5' FAD C . 4.30 -14.28 25.30
P FAD C . 4.35 -15.63 24.54
O1P FAD C . 2.98 -16.17 24.49
O2P FAD C . 5.11 -15.48 23.29
O3P FAD C . 5.20 -16.43 25.63
PA FAD D . -16.63 -16.41 -19.48
O1A FAD D . -15.23 -16.81 -19.71
O2A FAD D . -17.59 -17.42 -18.95
O5B FAD D . -17.15 -15.87 -20.89
C5B FAD D . -18.51 -15.50 -21.13
C4B FAD D . -18.90 -15.68 -22.61
O4B FAD D . -20.16 -15.03 -22.82
C3B FAD D . -17.93 -14.98 -23.57
O3B FAD D . -16.89 -15.89 -23.92
C2B FAD D . -18.81 -14.69 -24.77
O2B FAD D . -18.83 -15.82 -25.65
C1B FAD D . -20.21 -14.52 -24.18
N9A FAD D . -20.63 -13.12 -23.98
C8A FAD D . -19.84 -12.10 -23.62
N7A FAD D . -20.57 -10.99 -23.53
C5A FAD D . -21.82 -11.31 -23.82
C6A FAD D . -23.01 -10.58 -23.87
N6A FAD D . -23.02 -9.28 -23.62
N1A FAD D . -24.15 -11.22 -24.21
C2A FAD D . -24.15 -12.53 -24.48
N3A FAD D . -23.03 -13.24 -24.42
C4A FAD D . -21.87 -12.66 -24.10
N1 FAD D . -10.65 -8.38 -19.07
C2 FAD D . -10.73 -7.38 -18.10
O2 FAD D . -11.77 -7.23 -17.45
N3 FAD D . -9.64 -6.56 -17.85
C4 FAD D . -8.47 -6.75 -18.58
O4 FAD D . -7.51 -6.02 -18.36
C4X FAD D . -8.38 -7.75 -19.56
N5 FAD D . -7.19 -7.92 -20.29
C5X FAD D . -7.11 -8.84 -21.35
C6 FAD D . -5.96 -8.92 -22.15
C7 FAD D . -5.89 -9.84 -23.19
C7M FAD D . -4.62 -9.91 -24.04
C8 FAD D . -6.99 -10.68 -23.45
C8M FAD D . -6.98 -11.71 -24.58
C9 FAD D . -8.12 -10.60 -22.66
C9A FAD D . -8.19 -9.67 -21.61
N10 FAD D . -9.35 -9.60 -20.82
C10 FAD D . -9.47 -8.58 -19.82
C1' FAD D . -10.33 -10.69 -21.09
C2' FAD D . -11.36 -10.94 -19.99
O2' FAD D . -10.72 -10.95 -18.73
C3' FAD D . -12.09 -12.27 -20.13
O3' FAD D . -12.07 -12.73 -21.48
C4' FAD D . -13.52 -12.02 -19.68
O4' FAD D . -13.51 -11.34 -18.42
C5' FAD D . -14.25 -13.34 -19.55
O5' FAD D . -15.12 -13.25 -18.48
P FAD D . -15.47 -14.52 -17.65
O1P FAD D . -14.35 -15.48 -17.67
O2P FAD D . -15.95 -14.01 -16.36
O3P FAD D . -16.72 -15.10 -18.53
#